data_1UF7
#
_entry.id   1UF7
#
_cell.length_a   67.452
_cell.length_b   137.696
_cell.length_c   68.024
_cell.angle_alpha   90.00
_cell.angle_beta   90.00
_cell.angle_gamma   90.00
#
_symmetry.space_group_name_H-M   'P 21 21 2'
#
loop_
_entity.id
_entity.type
_entity.pdbx_description
1 polymer 'N-carbamyl-D-amino acid amidohydrolase'
2 non-polymer '3-METHYL-2-UREIDO-BUTYRIC ACID'
3 water water
#
_entity_poly.entity_id   1
_entity_poly.type   'polypeptide(L)'
_entity_poly.pdbx_seq_one_letter_code
;TRQMILAVGQQGPIARAETREQVVVRLLDMLTKAASRGANFIVFPELALTTFFPRWHFTDEAELDSFYETEMPGPVVRPL
FEKAAELGIGFNLGYAELVVEGGVKRRFNTSILVDKSGKIVGKYRKIHLPGHKEYEAYRPFQHLEKRYFEPGDLGFPVYD
VDAAKMGMFIANDRRWPEAWRVMGLRGAEIICGGYNTPTHNPPVPQHDHLTSFHHLLSMQAGSYQNGAWSAAAGKAGMEE
NCMLLGHSCIVAPTGEIVALTTTLEDEVITAAVDLDRCRELREHIFNFKQHRQPQHYGLIAEL
;
_entity_poly.pdbx_strand_id   A,B
#
# COMPACT_ATOMS: atom_id res chain seq x y z
N THR A 1 14.43 -1.82 26.78
CA THR A 1 14.69 -2.87 25.75
C THR A 1 14.01 -2.55 24.42
N ARG A 2 14.79 -2.58 23.35
CA ARG A 2 14.28 -2.27 22.02
C ARG A 2 14.59 -3.40 21.03
N GLN A 3 15.16 -4.49 21.56
CA GLN A 3 15.53 -5.64 20.74
C GLN A 3 14.74 -6.88 21.17
N MET A 4 14.38 -7.71 20.20
CA MET A 4 13.63 -8.93 20.48
C MET A 4 13.70 -9.86 19.27
N ILE A 5 13.22 -11.08 19.43
CA ILE A 5 13.22 -12.04 18.32
C ILE A 5 11.78 -12.49 18.08
N LEU A 6 11.28 -12.12 16.91
CA LEU A 6 9.92 -12.43 16.50
C LEU A 6 9.84 -13.72 15.70
N ALA A 7 8.77 -14.50 15.92
CA ALA A 7 8.58 -15.75 15.21
C ALA A 7 7.20 -15.87 14.60
N VAL A 8 7.10 -16.71 13.58
CA VAL A 8 5.81 -16.97 12.93
C VAL A 8 5.65 -18.48 12.92
N GLY A 9 4.51 -18.93 13.43
CA GLY A 9 4.23 -20.35 13.47
C GLY A 9 3.18 -20.68 12.43
N GLN A 10 3.61 -20.97 11.22
CA GLN A 10 2.69 -21.32 10.15
C GLN A 10 2.10 -22.70 10.44
N GLN A 11 0.81 -22.86 10.14
CA GLN A 11 0.16 -24.14 10.35
C GLN A 11 -0.12 -24.83 9.02
N GLY A 12 -0.06 -26.16 9.06
CA GLY A 12 -0.39 -26.94 7.90
C GLY A 12 -1.89 -27.08 8.07
N PRO A 13 -2.59 -27.89 7.27
CA PRO A 13 -4.04 -28.02 7.42
C PRO A 13 -4.55 -28.58 8.75
N ILE A 14 -5.76 -28.17 9.12
CA ILE A 14 -6.41 -28.66 10.32
C ILE A 14 -7.68 -29.34 9.79
N ALA A 15 -7.79 -30.64 10.01
CA ALA A 15 -8.95 -31.39 9.52
C ALA A 15 -10.24 -31.04 10.23
N ARG A 16 -11.36 -31.28 9.55
CA ARG A 16 -12.67 -30.97 10.12
C ARG A 16 -12.87 -31.67 11.45
N ALA A 17 -12.32 -32.87 11.60
CA ALA A 17 -12.48 -33.64 12.83
C ALA A 17 -11.28 -33.54 13.78
N GLU A 18 -10.24 -32.83 13.36
CA GLU A 18 -9.07 -32.70 14.21
C GLU A 18 -9.50 -31.93 15.47
N THR A 19 -9.24 -32.51 16.63
CA THR A 19 -9.62 -31.88 17.89
C THR A 19 -8.72 -30.72 18.29
N ARG A 20 -9.22 -29.87 19.17
CA ARG A 20 -8.44 -28.73 19.63
C ARG A 20 -7.25 -29.25 20.44
N GLU A 21 -7.40 -30.40 21.08
CA GLU A 21 -6.31 -30.98 21.85
C GLU A 21 -5.14 -31.30 20.92
N GLN A 22 -5.47 -31.82 19.74
CA GLN A 22 -4.46 -32.17 18.75
C GLN A 22 -3.83 -30.93 18.16
N VAL A 23 -4.63 -29.89 17.98
CA VAL A 23 -4.13 -28.64 17.44
C VAL A 23 -3.21 -27.98 18.47
N VAL A 24 -3.58 -28.07 19.75
CA VAL A 24 -2.78 -27.48 20.81
C VAL A 24 -1.41 -28.14 20.86
N VAL A 25 -1.38 -29.45 20.59
CA VAL A 25 -0.11 -30.16 20.57
C VAL A 25 0.79 -29.55 19.49
N ARG A 26 0.21 -29.29 18.33
CA ARG A 26 0.97 -28.71 17.22
C ARG A 26 1.44 -27.30 17.54
N LEU A 27 0.58 -26.52 18.20
CA LEU A 27 0.91 -25.15 18.57
C LEU A 27 2.01 -25.10 19.63
N LEU A 28 1.92 -26.00 20.61
CA LEU A 28 2.92 -26.07 21.67
C LEU A 28 4.28 -26.40 21.07
N ASP A 29 4.29 -27.33 20.12
CA ASP A 29 5.52 -27.74 19.47
C ASP A 29 6.21 -26.55 18.79
N MET A 30 5.43 -25.78 18.02
CA MET A 30 6.01 -24.62 17.33
C MET A 30 6.47 -23.54 18.31
N LEU A 31 5.68 -23.29 19.35
CA LEU A 31 6.04 -22.27 20.34
C LEU A 31 7.32 -22.69 21.06
N THR A 32 7.42 -23.98 21.36
CA THR A 32 8.59 -24.51 22.04
C THR A 32 9.81 -24.38 21.14
N LYS A 33 9.67 -24.73 19.87
CA LYS A 33 10.79 -24.64 18.94
C LYS A 33 11.21 -23.18 18.73
N ALA A 34 10.23 -22.29 18.62
CA ALA A 34 10.53 -20.87 18.42
C ALA A 34 11.32 -20.31 19.61
N ALA A 35 10.89 -20.64 20.82
CA ALA A 35 11.58 -20.16 22.02
C ALA A 35 13.01 -20.68 22.10
N SER A 36 13.21 -21.93 21.68
CA SER A 36 14.53 -22.55 21.73
C SER A 36 15.47 -21.83 20.77
N ARG A 37 14.89 -21.12 19.82
CA ARG A 37 15.68 -20.38 18.85
C ARG A 37 15.73 -18.89 19.17
N GLY A 38 15.40 -18.56 20.42
CA GLY A 38 15.46 -17.17 20.87
C GLY A 38 14.23 -16.29 20.74
N ALA A 39 13.19 -16.77 20.06
CA ALA A 39 11.98 -15.96 19.88
C ALA A 39 11.27 -15.70 21.20
N ASN A 40 10.80 -14.48 21.39
CA ASN A 40 10.07 -14.16 22.61
C ASN A 40 8.61 -13.80 22.27
N PHE A 41 8.24 -14.05 21.03
CA PHE A 41 6.87 -13.83 20.57
C PHE A 41 6.65 -14.60 19.27
N ILE A 42 5.51 -15.28 19.17
CA ILE A 42 5.20 -16.04 17.97
C ILE A 42 3.78 -15.82 17.49
N VAL A 43 3.66 -15.52 16.20
CA VAL A 43 2.36 -15.26 15.58
C VAL A 43 1.80 -16.54 14.98
N PHE A 44 0.53 -16.84 15.29
CA PHE A 44 -0.14 -18.03 14.75
C PHE A 44 -1.23 -17.55 13.79
N PRO A 45 -1.75 -18.45 12.94
CA PRO A 45 -2.79 -18.13 11.94
C PRO A 45 -4.16 -17.69 12.44
N GLU A 46 -4.96 -17.20 11.49
CA GLU A 46 -6.33 -16.78 11.73
C GLU A 46 -7.05 -18.10 12.01
N LEU A 47 -8.02 -18.09 12.92
CA LEU A 47 -8.77 -19.31 13.26
C LEU A 47 -7.83 -20.51 13.33
N ALA A 48 -6.83 -20.40 14.20
CA ALA A 48 -5.80 -21.43 14.36
C ALA A 48 -6.19 -22.67 15.17
N LEU A 49 -7.43 -22.74 15.63
CA LEU A 49 -7.85 -23.88 16.45
C LEU A 49 -8.73 -24.87 15.71
N THR A 50 -9.22 -24.49 14.55
CA THR A 50 -10.11 -25.34 13.78
C THR A 50 -9.84 -25.27 12.28
N THR A 51 -10.55 -26.13 11.53
CA THR A 51 -10.46 -26.14 10.08
C THR A 51 -11.13 -24.82 9.69
N PHE A 52 -10.87 -24.32 8.49
CA PHE A 52 -11.50 -23.08 8.07
C PHE A 52 -12.95 -23.37 7.69
N PHE A 53 -13.82 -23.47 8.69
CA PHE A 53 -15.24 -23.80 8.47
C PHE A 53 -16.06 -22.86 7.60
N PRO A 54 -15.67 -21.59 7.43
CA PRO A 54 -16.49 -20.73 6.57
C PRO A 54 -16.62 -21.24 5.13
N ARG A 55 -15.87 -22.28 4.78
CA ARG A 55 -15.91 -22.84 3.43
C ARG A 55 -17.17 -23.67 3.16
N TRP A 56 -17.93 -23.95 4.21
CA TRP A 56 -19.15 -24.74 4.06
C TRP A 56 -20.42 -23.94 4.34
N HIS A 57 -21.52 -24.38 3.75
CA HIS A 57 -22.80 -23.73 3.98
C HIS A 57 -23.45 -24.54 5.09
N PHE A 58 -23.59 -23.92 6.26
CA PHE A 58 -24.20 -24.59 7.40
C PHE A 58 -25.71 -24.47 7.43
N THR A 59 -26.36 -25.50 7.97
CA THR A 59 -27.82 -25.52 8.08
C THR A 59 -28.20 -25.88 9.52
N ASP A 60 -27.20 -26.24 10.31
CA ASP A 60 -27.40 -26.60 11.71
C ASP A 60 -26.55 -25.67 12.57
N GLU A 61 -27.20 -24.89 13.43
CA GLU A 61 -26.49 -23.95 14.28
C GLU A 61 -25.59 -24.61 15.32
N ALA A 62 -25.97 -25.79 15.78
CA ALA A 62 -25.17 -26.50 16.77
C ALA A 62 -23.83 -26.91 16.15
N GLU A 63 -23.88 -27.38 14.90
CA GLU A 63 -22.65 -27.79 14.22
C GLU A 63 -21.78 -26.56 14.01
N LEU A 64 -22.39 -25.45 13.62
CA LEU A 64 -21.63 -24.23 13.40
C LEU A 64 -20.98 -23.82 14.72
N ASP A 65 -21.80 -23.71 15.75
CA ASP A 65 -21.32 -23.32 17.08
C ASP A 65 -20.12 -24.13 17.58
N SER A 66 -20.05 -25.40 17.20
CA SER A 66 -18.95 -26.25 17.65
C SER A 66 -17.57 -25.74 17.26
N PHE A 67 -17.49 -24.89 16.25
CA PHE A 67 -16.20 -24.38 15.80
C PHE A 67 -15.75 -23.11 16.53
N TYR A 68 -16.60 -22.57 17.40
CA TYR A 68 -16.29 -21.35 18.15
C TYR A 68 -15.82 -21.61 19.57
N GLU A 69 -15.13 -20.63 20.14
CA GLU A 69 -14.64 -20.72 21.51
C GLU A 69 -15.59 -19.91 22.39
N THR A 70 -16.00 -20.49 23.51
CA THR A 70 -16.90 -19.82 24.45
C THR A 70 -16.12 -19.20 25.60
N GLU A 71 -14.85 -19.58 25.70
CA GLU A 71 -13.97 -19.05 26.73
C GLU A 71 -12.56 -19.07 26.16
N MET A 72 -11.71 -18.19 26.66
CA MET A 72 -10.34 -18.11 26.17
C MET A 72 -9.36 -17.78 27.30
N PRO A 73 -8.59 -18.78 27.74
CA PRO A 73 -8.64 -20.15 27.21
C PRO A 73 -9.51 -21.07 28.04
N GLY A 74 -9.95 -22.16 27.41
CA GLY A 74 -10.75 -23.14 28.11
C GLY A 74 -9.72 -24.14 28.61
N PRO A 75 -10.12 -25.26 29.21
CA PRO A 75 -9.15 -26.24 29.70
C PRO A 75 -8.23 -26.80 28.61
N VAL A 76 -8.78 -27.01 27.42
CA VAL A 76 -8.00 -27.57 26.31
C VAL A 76 -6.89 -26.65 25.81
N VAL A 77 -7.18 -25.36 25.71
CA VAL A 77 -6.19 -24.40 25.21
C VAL A 77 -5.24 -23.88 26.27
N ARG A 78 -5.63 -23.96 27.53
CA ARG A 78 -4.80 -23.46 28.64
C ARG A 78 -3.32 -23.88 28.62
N PRO A 79 -3.03 -25.12 28.24
CA PRO A 79 -1.62 -25.56 28.21
C PRO A 79 -0.72 -24.67 27.36
N LEU A 80 -1.27 -24.09 26.30
CA LEU A 80 -0.48 -23.20 25.44
C LEU A 80 -0.07 -21.96 26.22
N PHE A 81 -1.00 -21.41 26.99
CA PHE A 81 -0.73 -20.22 27.79
C PHE A 81 0.32 -20.53 28.85
N GLU A 82 0.19 -21.69 29.50
CA GLU A 82 1.14 -22.09 30.54
C GLU A 82 2.55 -22.24 29.98
N LYS A 83 2.66 -22.80 28.79
CA LYS A 83 3.97 -22.99 28.17
C LYS A 83 4.58 -21.66 27.75
N ALA A 84 3.73 -20.74 27.30
CA ALA A 84 4.18 -19.43 26.87
C ALA A 84 4.80 -18.69 28.06
N ALA A 85 4.14 -18.79 29.21
CA ALA A 85 4.62 -18.15 30.44
C ALA A 85 5.91 -18.81 30.91
N GLU A 86 5.97 -20.14 30.80
CA GLU A 86 7.13 -20.89 31.22
C GLU A 86 8.38 -20.53 30.43
N LEU A 87 8.26 -20.57 29.10
CA LEU A 87 9.37 -20.28 28.22
C LEU A 87 9.59 -18.79 27.94
N GLY A 88 8.66 -17.95 28.38
CA GLY A 88 8.81 -16.53 28.14
C GLY A 88 8.67 -16.13 26.68
N ILE A 89 7.57 -16.55 26.07
CA ILE A 89 7.30 -16.24 24.68
C ILE A 89 5.81 -15.99 24.48
N GLY A 90 5.48 -14.75 24.15
CA GLY A 90 4.07 -14.42 23.94
C GLY A 90 3.62 -14.92 22.59
N PHE A 91 2.35 -14.71 22.27
CA PHE A 91 1.82 -15.15 20.99
C PHE A 91 0.55 -14.42 20.59
N ASN A 92 0.21 -14.56 19.31
CA ASN A 92 -0.98 -13.99 18.71
C ASN A 92 -1.76 -15.21 18.25
N LEU A 93 -2.91 -15.45 18.86
CA LEU A 93 -3.73 -16.60 18.50
C LEU A 93 -5.06 -16.19 17.90
N GLY A 94 -5.39 -16.76 16.75
CA GLY A 94 -6.65 -16.46 16.10
C GLY A 94 -7.66 -17.56 16.41
N TYR A 95 -8.93 -17.20 16.50
CA TYR A 95 -9.97 -18.18 16.79
C TYR A 95 -11.35 -17.59 16.56
N ALA A 96 -12.36 -18.46 16.52
CA ALA A 96 -13.74 -18.03 16.32
C ALA A 96 -14.32 -17.80 17.72
N GLU A 97 -14.78 -16.57 17.95
CA GLU A 97 -15.31 -16.17 19.24
C GLU A 97 -16.84 -16.11 19.25
N LEU A 98 -17.44 -16.87 20.17
CA LEU A 98 -18.88 -16.90 20.32
C LEU A 98 -19.24 -16.31 21.67
N VAL A 99 -19.99 -15.21 21.66
CA VAL A 99 -20.39 -14.55 22.89
C VAL A 99 -21.92 -14.53 22.99
N VAL A 100 -22.43 -14.80 24.18
CA VAL A 100 -23.88 -14.78 24.38
C VAL A 100 -24.26 -13.61 25.29
N GLU A 101 -24.91 -12.61 24.69
CA GLU A 101 -25.31 -11.43 25.44
C GLU A 101 -26.83 -11.37 25.60
N GLY A 102 -27.28 -11.50 26.85
CA GLY A 102 -28.71 -11.45 27.13
C GLY A 102 -29.51 -12.37 26.23
N GLY A 103 -28.99 -13.58 26.03
CA GLY A 103 -29.68 -14.56 25.18
C GLY A 103 -29.47 -14.34 23.70
N VAL A 104 -28.59 -13.41 23.35
CA VAL A 104 -28.31 -13.10 21.95
C VAL A 104 -26.88 -13.51 21.62
N LYS A 105 -26.72 -14.28 20.55
CA LYS A 105 -25.38 -14.72 20.15
C LYS A 105 -24.66 -13.71 19.28
N ARG A 106 -23.38 -13.53 19.55
CA ARG A 106 -22.55 -12.61 18.77
C ARG A 106 -21.33 -13.43 18.31
N ARG A 107 -21.03 -13.38 17.02
CA ARG A 107 -19.92 -14.13 16.45
C ARG A 107 -18.85 -13.23 15.85
N PHE A 108 -17.59 -13.49 16.20
CA PHE A 108 -16.48 -12.71 15.67
C PHE A 108 -15.31 -13.59 15.23
N ASN A 109 -14.57 -13.11 14.25
CA ASN A 109 -13.37 -13.80 13.78
C ASN A 109 -12.37 -13.00 14.62
N THR A 110 -11.79 -13.64 15.62
CA THR A 110 -10.93 -12.95 16.58
C THR A 110 -9.47 -13.36 16.71
N SER A 111 -8.67 -12.44 17.25
CA SER A 111 -7.26 -12.68 17.52
C SER A 111 -6.88 -11.97 18.82
N ILE A 112 -6.03 -12.62 19.61
CA ILE A 112 -5.59 -12.04 20.86
C ILE A 112 -4.08 -12.03 20.95
N LEU A 113 -3.56 -11.10 21.76
CA LEU A 113 -2.13 -10.99 21.98
C LEU A 113 -1.91 -11.40 23.43
N VAL A 114 -0.98 -12.32 23.62
CA VAL A 114 -0.63 -12.82 24.96
C VAL A 114 0.84 -12.47 25.15
N ASP A 115 1.21 -11.91 26.30
CA ASP A 115 2.61 -11.55 26.52
C ASP A 115 3.44 -12.74 27.01
N LYS A 116 4.75 -12.52 27.17
CA LYS A 116 5.64 -13.59 27.60
C LYS A 116 5.38 -14.11 29.02
N SER A 117 4.33 -13.59 29.65
CA SER A 117 3.95 -14.02 30.98
C SER A 117 2.67 -14.85 30.86
N GLY A 118 2.24 -15.05 29.62
CA GLY A 118 1.04 -15.83 29.37
C GLY A 118 -0.25 -15.10 29.70
N LYS A 119 -0.21 -13.78 29.70
CA LYS A 119 -1.39 -12.99 30.00
C LYS A 119 -1.93 -12.31 28.75
N ILE A 120 -3.25 -12.34 28.59
CA ILE A 120 -3.90 -11.71 27.44
C ILE A 120 -3.83 -10.21 27.63
N VAL A 121 -3.16 -9.53 26.70
CA VAL A 121 -3.03 -8.09 26.79
C VAL A 121 -3.72 -7.29 25.69
N GLY A 122 -4.55 -7.94 24.89
CA GLY A 122 -5.25 -7.23 23.84
C GLY A 122 -6.07 -8.12 22.93
N LYS A 123 -7.15 -7.58 22.38
CA LYS A 123 -8.00 -8.34 21.47
C LYS A 123 -8.37 -7.53 20.25
N TYR A 124 -8.59 -8.21 19.13
CA TYR A 124 -9.00 -7.56 17.91
C TYR A 124 -10.02 -8.46 17.23
N ARG A 125 -10.99 -7.84 16.56
CA ARG A 125 -12.03 -8.58 15.86
C ARG A 125 -12.06 -8.11 14.41
N LYS A 126 -11.91 -9.09 13.50
CA LYS A 126 -11.87 -8.84 12.06
C LYS A 126 -12.94 -7.87 11.57
N ILE A 127 -12.47 -6.75 11.02
CA ILE A 127 -13.36 -5.71 10.52
C ILE A 127 -13.69 -5.90 9.05
N HIS A 128 -12.72 -6.34 8.26
CA HIS A 128 -12.94 -6.56 6.83
C HIS A 128 -13.22 -8.04 6.56
N LEU A 129 -14.49 -8.37 6.36
CA LEU A 129 -14.89 -9.74 6.09
C LEU A 129 -15.03 -9.94 4.59
N PRO A 130 -14.24 -10.86 4.02
CA PRO A 130 -14.26 -11.15 2.59
C PRO A 130 -15.34 -12.17 2.25
N GLY A 131 -15.37 -12.59 1.00
CA GLY A 131 -16.34 -13.57 0.58
C GLY A 131 -17.69 -13.01 0.16
N HIS A 132 -18.70 -13.85 0.32
CA HIS A 132 -20.07 -13.51 -0.06
C HIS A 132 -21.03 -13.76 1.11
N LYS A 133 -22.29 -13.44 0.91
CA LYS A 133 -23.31 -13.60 1.94
C LYS A 133 -24.20 -14.83 1.78
N GLU A 134 -24.61 -15.12 0.55
CA GLU A 134 -25.48 -16.27 0.30
C GLU A 134 -24.77 -17.42 -0.36
N TYR A 135 -25.34 -18.61 -0.18
CA TYR A 135 -24.80 -19.82 -0.78
C TYR A 135 -24.73 -19.63 -2.29
N GLU A 136 -23.62 -20.04 -2.89
CA GLU A 136 -23.43 -19.94 -4.34
C GLU A 136 -23.04 -21.32 -4.85
N ALA A 137 -24.01 -21.99 -5.45
CA ALA A 137 -23.85 -23.34 -5.97
C ALA A 137 -22.64 -23.65 -6.86
N TYR A 138 -22.25 -22.71 -7.72
CA TYR A 138 -21.12 -22.95 -8.62
C TYR A 138 -19.75 -23.13 -7.95
N ARG A 139 -19.57 -22.49 -6.80
CA ARG A 139 -18.29 -22.54 -6.08
C ARG A 139 -17.90 -23.90 -5.50
N PRO A 140 -16.67 -24.37 -5.80
CA PRO A 140 -16.20 -25.67 -5.28
C PRO A 140 -16.18 -25.62 -3.76
N PHE A 141 -15.95 -24.42 -3.23
CA PHE A 141 -15.95 -24.19 -1.79
C PHE A 141 -16.46 -22.76 -1.58
N GLN A 142 -17.22 -22.56 -0.51
CA GLN A 142 -17.78 -21.25 -0.21
C GLN A 142 -16.80 -20.45 0.63
N HIS A 143 -17.19 -19.21 0.95
CA HIS A 143 -16.43 -18.33 1.81
C HIS A 143 -17.48 -17.42 2.40
N LEU A 144 -18.24 -17.98 3.35
CA LEU A 144 -19.35 -17.29 3.99
C LEU A 144 -19.03 -16.58 5.30
N GLU A 145 -17.91 -15.88 5.36
CA GLU A 145 -17.53 -15.17 6.58
C GLU A 145 -18.54 -14.07 6.93
N LYS A 146 -19.12 -13.45 5.92
CA LYS A 146 -20.09 -12.38 6.16
C LYS A 146 -21.32 -12.90 6.88
N ARG A 147 -21.54 -14.21 6.81
CA ARG A 147 -22.69 -14.82 7.47
C ARG A 147 -22.35 -15.34 8.87
N TYR A 148 -21.15 -15.91 9.01
CA TYR A 148 -20.74 -16.50 10.28
C TYR A 148 -20.06 -15.54 11.26
N PHE A 149 -19.77 -14.32 10.81
CA PHE A 149 -19.11 -13.34 11.66
C PHE A 149 -19.69 -11.93 11.48
N GLU A 150 -19.63 -11.13 12.53
CA GLU A 150 -20.08 -9.74 12.49
C GLU A 150 -18.80 -8.94 12.36
N PRO A 151 -18.83 -7.80 11.65
CA PRO A 151 -17.60 -7.00 11.53
C PRO A 151 -17.13 -6.62 12.93
N GLY A 152 -15.82 -6.65 13.16
CA GLY A 152 -15.28 -6.31 14.47
C GLY A 152 -15.79 -5.01 15.05
N ASP A 153 -15.88 -4.93 16.38
CA ASP A 153 -16.35 -3.71 17.04
C ASP A 153 -15.30 -3.05 17.95
N LEU A 154 -14.06 -3.49 17.85
CA LEU A 154 -12.99 -2.92 18.67
C LEU A 154 -12.09 -1.95 17.90
N GLY A 155 -12.41 -1.71 16.64
CA GLY A 155 -11.60 -0.82 15.82
C GLY A 155 -10.27 -1.49 15.55
N PHE A 156 -9.23 -0.71 15.27
CA PHE A 156 -7.90 -1.26 15.02
C PHE A 156 -6.96 -0.76 16.13
N PRO A 157 -7.09 -1.34 17.33
CA PRO A 157 -6.24 -0.95 18.45
C PRO A 157 -4.78 -1.39 18.34
N VAL A 158 -3.94 -0.75 19.14
CA VAL A 158 -2.51 -1.07 19.21
C VAL A 158 -2.26 -1.25 20.71
N TYR A 159 -1.66 -2.37 21.08
CA TYR A 159 -1.40 -2.65 22.49
C TYR A 159 0.08 -2.78 22.81
N ASP A 160 0.42 -2.58 24.08
CA ASP A 160 1.80 -2.75 24.50
C ASP A 160 1.95 -4.19 24.96
N VAL A 161 2.83 -4.93 24.29
CA VAL A 161 3.10 -6.32 24.60
C VAL A 161 4.58 -6.42 24.92
N ASP A 162 4.91 -6.60 26.20
CA ASP A 162 6.30 -6.70 26.63
C ASP A 162 7.24 -5.66 26.01
N ALA A 163 6.93 -4.38 26.19
CA ALA A 163 7.78 -3.31 25.65
C ALA A 163 7.74 -3.13 24.14
N ALA A 164 6.76 -3.75 23.48
CA ALA A 164 6.62 -3.61 22.04
C ALA A 164 5.20 -3.14 21.77
N LYS A 165 5.05 -2.16 20.89
CA LYS A 165 3.72 -1.66 20.55
C LYS A 165 3.28 -2.50 19.36
N MET A 166 2.26 -3.34 19.59
CA MET A 166 1.76 -4.24 18.57
C MET A 166 0.30 -4.04 18.19
N GLY A 167 0.03 -4.14 16.88
CA GLY A 167 -1.33 -4.00 16.38
C GLY A 167 -1.70 -5.31 15.68
N MET A 168 -3.00 -5.61 15.62
CA MET A 168 -3.46 -6.83 14.97
C MET A 168 -4.32 -6.65 13.74
N PHE A 169 -4.11 -7.52 12.76
CA PHE A 169 -4.89 -7.56 11.54
C PHE A 169 -5.27 -9.02 11.41
N ILE A 170 -6.35 -9.31 10.71
CA ILE A 170 -6.73 -10.69 10.49
C ILE A 170 -7.01 -10.91 9.02
N ALA A 171 -6.19 -11.76 8.41
CA ALA A 171 -6.33 -12.13 7.01
C ALA A 171 -6.63 -10.97 6.04
N ASN A 172 -7.83 -10.98 5.48
CA ASN A 172 -8.24 -9.97 4.52
C ASN A 172 -7.85 -8.55 4.92
N ASP A 173 -7.89 -8.24 6.21
CA ASP A 173 -7.53 -6.91 6.69
C ASP A 173 -6.21 -6.39 6.13
N ARG A 174 -5.26 -7.29 5.89
CA ARG A 174 -3.93 -6.92 5.39
C ARG A 174 -3.91 -6.24 4.03
N ARG A 175 -4.99 -6.40 3.28
CA ARG A 175 -5.09 -5.80 1.95
C ARG A 175 -5.67 -4.39 1.97
N TRP A 176 -6.12 -3.94 3.15
CA TRP A 176 -6.72 -2.60 3.28
C TRP A 176 -5.76 -1.61 3.93
N PRO A 177 -5.31 -0.59 3.17
CA PRO A 177 -4.39 0.40 3.71
C PRO A 177 -4.92 1.09 4.96
N GLU A 178 -6.24 1.20 5.07
CA GLU A 178 -6.89 1.84 6.21
C GLU A 178 -6.57 1.12 7.52
N ALA A 179 -6.57 -0.21 7.48
CA ALA A 179 -6.28 -0.99 8.69
C ALA A 179 -4.87 -0.66 9.17
N TRP A 180 -3.90 -0.73 8.27
CA TRP A 180 -2.52 -0.45 8.62
C TRP A 180 -2.32 0.98 9.10
N ARG A 181 -2.90 1.93 8.37
CA ARG A 181 -2.75 3.34 8.71
C ARG A 181 -3.27 3.70 10.09
N VAL A 182 -4.45 3.20 10.44
CA VAL A 182 -5.00 3.48 11.77
C VAL A 182 -4.00 3.02 12.82
N MET A 183 -3.51 1.78 12.69
CA MET A 183 -2.55 1.27 13.66
C MET A 183 -1.23 2.01 13.52
N GLY A 184 -0.92 2.45 12.31
CA GLY A 184 0.31 3.20 12.10
C GLY A 184 0.24 4.52 12.85
N LEU A 185 -0.94 5.17 12.79
CA LEU A 185 -1.15 6.44 13.47
C LEU A 185 -1.17 6.27 14.98
N ARG A 186 -1.45 5.05 15.43
CA ARG A 186 -1.45 4.75 16.86
C ARG A 186 -0.05 4.34 17.33
N GLY A 187 0.93 4.45 16.43
CA GLY A 187 2.30 4.13 16.77
C GLY A 187 2.77 2.68 16.82
N ALA A 188 2.06 1.78 16.15
CA ALA A 188 2.47 0.38 16.18
C ALA A 188 3.87 0.19 15.61
N GLU A 189 4.66 -0.65 16.29
CA GLU A 189 6.02 -0.96 15.88
C GLU A 189 5.98 -2.32 15.19
N ILE A 190 4.99 -3.13 15.57
CA ILE A 190 4.78 -4.45 14.98
C ILE A 190 3.29 -4.60 14.67
N ILE A 191 2.97 -5.01 13.45
CA ILE A 191 1.60 -5.24 13.01
C ILE A 191 1.60 -6.69 12.56
N CYS A 192 0.82 -7.54 13.21
CA CYS A 192 0.82 -8.95 12.87
C CYS A 192 -0.54 -9.63 12.90
N GLY A 193 -0.60 -10.81 12.31
CA GLY A 193 -1.83 -11.58 12.25
C GLY A 193 -1.66 -12.81 11.38
N GLY A 194 -2.74 -13.53 11.14
CA GLY A 194 -2.67 -14.74 10.33
C GLY A 194 -3.66 -14.76 9.18
N TYR A 195 -3.70 -15.83 8.40
CA TYR A 195 -4.61 -15.89 7.27
C TYR A 195 -4.89 -17.27 6.68
N ASN A 196 -6.05 -17.38 6.05
CA ASN A 196 -6.52 -18.59 5.37
C ASN A 196 -6.89 -18.04 4.00
N THR A 197 -5.96 -18.14 3.07
CA THR A 197 -6.16 -17.63 1.73
C THR A 197 -6.11 -18.72 0.66
N PRO A 198 -7.28 -19.11 0.13
CA PRO A 198 -7.28 -20.16 -0.90
C PRO A 198 -6.53 -19.64 -2.13
N THR A 199 -5.75 -20.51 -2.76
CA THR A 199 -4.99 -20.11 -3.94
C THR A 199 -5.90 -20.07 -5.17
N HIS A 200 -7.17 -20.42 -4.96
CA HIS A 200 -8.15 -20.36 -6.03
C HIS A 200 -9.32 -19.51 -5.57
N ASN A 201 -9.76 -18.60 -6.43
CA ASN A 201 -10.88 -17.73 -6.13
C ASN A 201 -11.92 -17.92 -7.23
N PRO A 202 -13.06 -18.54 -6.88
CA PRO A 202 -14.16 -18.81 -7.82
C PRO A 202 -14.67 -17.62 -8.67
N PRO A 203 -14.93 -16.47 -8.03
CA PRO A 203 -15.41 -15.32 -8.79
C PRO A 203 -14.39 -14.63 -9.71
N VAL A 204 -13.12 -14.70 -9.34
CA VAL A 204 -12.07 -14.06 -10.14
C VAL A 204 -10.88 -15.02 -10.22
N PRO A 205 -11.07 -16.17 -10.90
CA PRO A 205 -9.98 -17.15 -11.03
C PRO A 205 -8.77 -16.66 -11.82
N GLN A 206 -8.93 -15.57 -12.58
CA GLN A 206 -7.81 -15.07 -13.36
C GLN A 206 -6.72 -14.43 -12.51
N HIS A 207 -6.93 -14.38 -11.20
CA HIS A 207 -5.94 -13.82 -10.27
C HIS A 207 -5.30 -14.92 -9.43
N ASP A 208 -5.66 -16.18 -9.72
CA ASP A 208 -5.13 -17.32 -8.98
C ASP A 208 -3.61 -17.39 -8.93
N HIS A 209 -2.97 -17.21 -10.08
CA HIS A 209 -1.50 -17.27 -10.15
C HIS A 209 -0.84 -16.08 -9.49
N LEU A 210 -1.65 -15.12 -9.03
CA LEU A 210 -1.11 -13.92 -8.37
C LEU A 210 -1.33 -13.98 -6.85
N THR A 211 -1.86 -15.09 -6.36
CA THR A 211 -2.13 -15.20 -4.92
C THR A 211 -0.96 -14.86 -4.01
N SER A 212 0.21 -15.42 -4.29
CA SER A 212 1.37 -15.12 -3.47
C SER A 212 1.73 -13.64 -3.63
N PHE A 213 1.78 -13.17 -4.87
CA PHE A 213 2.10 -11.78 -5.19
C PHE A 213 1.27 -10.76 -4.42
N HIS A 214 -0.05 -10.94 -4.42
CA HIS A 214 -0.95 -10.00 -3.75
C HIS A 214 -0.78 -10.02 -2.24
N HIS A 215 -0.56 -11.20 -1.69
CA HIS A 215 -0.36 -11.37 -0.27
C HIS A 215 0.92 -10.64 0.17
N LEU A 216 2.04 -11.00 -0.46
CA LEU A 216 3.31 -10.38 -0.11
C LEU A 216 3.32 -8.88 -0.41
N LEU A 217 2.69 -8.48 -1.51
CA LEU A 217 2.60 -7.07 -1.88
C LEU A 217 1.92 -6.28 -0.77
N SER A 218 0.84 -6.84 -0.24
CA SER A 218 0.09 -6.18 0.83
C SER A 218 0.93 -6.05 2.10
N MET A 219 1.67 -7.10 2.46
CA MET A 219 2.50 -7.05 3.65
C MET A 219 3.67 -6.07 3.50
N GLN A 220 4.35 -6.12 2.36
CA GLN A 220 5.47 -5.23 2.12
C GLN A 220 5.09 -3.76 2.11
N ALA A 221 4.04 -3.43 1.37
CA ALA A 221 3.57 -2.05 1.27
C ALA A 221 3.10 -1.52 2.63
N GLY A 222 2.34 -2.34 3.34
CA GLY A 222 1.84 -1.95 4.65
C GLY A 222 2.98 -1.62 5.61
N SER A 223 3.99 -2.49 5.66
CA SER A 223 5.13 -2.27 6.54
C SER A 223 5.87 -0.99 6.17
N TYR A 224 6.31 -0.91 4.92
CA TYR A 224 7.04 0.25 4.42
C TYR A 224 6.36 1.59 4.69
N GLN A 225 5.13 1.73 4.21
CA GLN A 225 4.42 2.99 4.34
C GLN A 225 4.01 3.40 5.76
N ASN A 226 4.11 2.47 6.70
CA ASN A 226 3.80 2.76 8.09
C ASN A 226 5.03 2.56 8.96
N GLY A 227 6.15 2.24 8.32
CA GLY A 227 7.39 2.01 9.04
C GLY A 227 7.21 1.04 10.19
N ALA A 228 6.58 -0.10 9.90
CA ALA A 228 6.31 -1.09 10.94
C ALA A 228 6.79 -2.49 10.58
N TRP A 229 7.31 -3.20 11.58
CA TRP A 229 7.70 -4.58 11.33
C TRP A 229 6.35 -5.28 11.19
N SER A 230 6.27 -6.34 10.40
CA SER A 230 5.01 -7.05 10.27
C SER A 230 5.25 -8.54 10.14
N ALA A 231 4.22 -9.33 10.37
CA ALA A 231 4.32 -10.77 10.28
C ALA A 231 2.95 -11.34 9.96
N ALA A 232 2.93 -12.27 9.01
CA ALA A 232 1.69 -12.91 8.60
C ALA A 232 1.86 -14.41 8.70
N ALA A 233 1.01 -15.05 9.49
CA ALA A 233 1.06 -16.49 9.69
C ALA A 233 -0.10 -17.15 8.99
N GLY A 234 0.17 -17.94 7.97
CA GLY A 234 -0.93 -18.58 7.29
C GLY A 234 -1.13 -20.02 7.69
N LYS A 235 -2.33 -20.53 7.42
CA LYS A 235 -2.62 -21.93 7.65
C LYS A 235 -2.68 -22.33 6.19
N ALA A 236 -1.71 -23.13 5.77
CA ALA A 236 -1.60 -23.53 4.39
C ALA A 236 -1.77 -25.02 4.12
N GLY A 237 -1.72 -25.39 2.84
CA GLY A 237 -1.85 -26.79 2.47
C GLY A 237 -3.22 -27.17 1.97
N MET A 238 -3.39 -28.45 1.62
CA MET A 238 -4.68 -28.93 1.13
C MET A 238 -5.57 -29.24 2.33
N GLU A 239 -6.40 -28.28 2.72
CA GLU A 239 -7.28 -28.47 3.86
C GLU A 239 -8.71 -28.74 3.40
N GLU A 240 -9.20 -29.94 3.71
CA GLU A 240 -10.54 -30.36 3.32
C GLU A 240 -10.77 -30.11 1.82
N ASN A 241 -9.77 -30.49 1.03
CA ASN A 241 -9.81 -30.37 -0.42
C ASN A 241 -9.69 -28.96 -1.00
N CYS A 242 -9.25 -28.00 -0.19
CA CYS A 242 -9.06 -26.63 -0.66
C CYS A 242 -7.62 -26.23 -0.38
N MET A 243 -6.88 -25.91 -1.43
CA MET A 243 -5.48 -25.53 -1.27
C MET A 243 -5.34 -24.12 -0.71
N LEU A 244 -4.66 -23.99 0.42
CA LEU A 244 -4.46 -22.71 1.08
C LEU A 244 -3.03 -22.18 0.90
N LEU A 245 -2.90 -20.87 0.79
CA LEU A 245 -1.61 -20.23 0.59
C LEU A 245 -0.62 -20.33 1.76
N GLY A 246 0.64 -20.53 1.41
CA GLY A 246 1.70 -20.60 2.40
C GLY A 246 2.38 -19.25 2.37
N HIS A 247 3.69 -19.25 2.21
CA HIS A 247 4.45 -18.00 2.18
C HIS A 247 4.20 -17.10 3.38
N SER A 248 4.23 -17.71 4.57
CA SER A 248 4.07 -16.96 5.80
C SER A 248 5.32 -16.09 5.83
N CYS A 249 5.27 -14.94 6.47
CA CYS A 249 6.42 -14.06 6.43
C CYS A 249 6.59 -13.08 7.58
N ILE A 250 7.82 -12.60 7.71
CA ILE A 250 8.17 -11.58 8.68
C ILE A 250 8.76 -10.48 7.79
N VAL A 251 8.33 -9.24 8.01
CA VAL A 251 8.75 -8.12 7.18
C VAL A 251 9.29 -6.93 7.98
N ALA A 252 10.36 -6.32 7.48
CA ALA A 252 10.98 -5.17 8.13
C ALA A 252 10.17 -3.90 7.84
N PRO A 253 10.39 -2.85 8.64
CA PRO A 253 9.66 -1.58 8.45
C PRO A 253 9.96 -0.91 7.11
N THR A 254 10.95 -1.44 6.40
CA THR A 254 11.33 -0.93 5.08
C THR A 254 10.51 -1.67 4.01
N GLY A 255 9.78 -2.70 4.43
CA GLY A 255 9.00 -3.48 3.49
C GLY A 255 9.76 -4.70 3.00
N GLU A 256 11.01 -4.82 3.43
CA GLU A 256 11.84 -5.95 3.03
C GLU A 256 11.42 -7.22 3.76
N ILE A 257 11.25 -8.31 3.03
CA ILE A 257 10.89 -9.57 3.64
C ILE A 257 12.17 -10.18 4.22
N VAL A 258 12.20 -10.38 5.54
CA VAL A 258 13.38 -10.93 6.18
C VAL A 258 13.29 -12.43 6.45
N ALA A 259 12.09 -12.98 6.39
CA ALA A 259 11.90 -14.41 6.62
C ALA A 259 10.64 -14.87 5.88
N LEU A 260 10.72 -16.05 5.27
CA LEU A 260 9.61 -16.62 4.51
C LEU A 260 9.60 -18.14 4.59
N THR A 261 8.42 -18.72 4.80
CA THR A 261 8.28 -20.18 4.87
C THR A 261 8.25 -20.73 3.45
N THR A 262 8.66 -21.98 3.29
CA THR A 262 8.69 -22.61 1.98
C THR A 262 7.86 -23.88 1.88
N THR A 263 7.35 -24.37 3.01
CA THR A 263 6.53 -25.58 3.00
C THR A 263 5.07 -25.18 3.16
N LEU A 264 4.20 -26.18 3.20
CA LEU A 264 2.77 -25.96 3.37
C LEU A 264 2.33 -26.75 4.60
N GLU A 265 3.25 -26.93 5.56
CA GLU A 265 2.97 -27.66 6.80
C GLU A 265 3.31 -26.77 7.99
N ASP A 266 3.22 -27.30 9.20
CA ASP A 266 3.58 -26.50 10.37
C ASP A 266 5.02 -26.09 10.14
N GLU A 267 5.30 -24.80 10.25
CA GLU A 267 6.66 -24.33 10.02
C GLU A 267 6.91 -23.04 10.80
N VAL A 268 8.05 -23.00 11.48
CA VAL A 268 8.44 -21.84 12.27
C VAL A 268 9.57 -21.06 11.60
N ILE A 269 9.45 -19.73 11.57
CA ILE A 269 10.49 -18.88 11.02
C ILE A 269 10.70 -17.80 12.06
N THR A 270 11.92 -17.28 12.16
CA THR A 270 12.21 -16.23 13.13
C THR A 270 13.09 -15.15 12.51
N ALA A 271 13.04 -13.96 13.10
CA ALA A 271 13.84 -12.85 12.62
C ALA A 271 14.14 -11.89 13.78
N ALA A 272 15.37 -11.40 13.84
CA ALA A 272 15.76 -10.46 14.88
C ALA A 272 15.03 -9.16 14.59
N VAL A 273 14.44 -8.58 15.62
CA VAL A 273 13.68 -7.34 15.48
C VAL A 273 14.18 -6.21 16.37
N ASP A 274 14.50 -5.08 15.74
CA ASP A 274 14.95 -3.90 16.47
C ASP A 274 13.81 -2.89 16.36
N LEU A 275 13.12 -2.64 17.47
CA LEU A 275 12.00 -1.71 17.48
C LEU A 275 12.37 -0.30 17.03
N ASP A 276 13.63 0.08 17.18
CA ASP A 276 14.05 1.42 16.77
C ASP A 276 14.21 1.55 15.26
N ARG A 277 14.23 0.43 14.56
CA ARG A 277 14.36 0.46 13.10
C ARG A 277 13.22 1.28 12.50
N CYS A 278 12.05 1.22 13.14
CA CYS A 278 10.88 1.95 12.68
C CYS A 278 11.18 3.44 12.43
N ARG A 279 12.08 3.99 13.23
CA ARG A 279 12.44 5.40 13.09
C ARG A 279 12.97 5.78 11.72
N GLU A 280 13.63 4.85 11.03
CA GLU A 280 14.19 5.13 9.69
C GLU A 280 13.12 5.63 8.73
N LEU A 281 11.88 5.23 8.97
CA LEU A 281 10.77 5.68 8.12
C LEU A 281 9.94 6.74 8.82
N ARG A 282 9.49 6.42 10.03
CA ARG A 282 8.63 7.33 10.78
C ARG A 282 9.19 8.66 11.27
N GLU A 283 10.50 8.86 11.17
CA GLU A 283 11.07 10.13 11.59
C GLU A 283 11.61 10.86 10.37
N HIS A 284 11.42 10.25 9.20
CA HIS A 284 11.94 10.85 7.98
C HIS A 284 10.94 10.90 6.81
N ILE A 285 11.13 10.06 5.81
CA ILE A 285 10.23 10.08 4.66
C ILE A 285 8.77 9.95 5.07
N PHE A 286 8.50 9.16 6.09
CA PHE A 286 7.13 9.01 6.57
C PHE A 286 6.93 9.59 7.96
N ASN A 287 7.48 10.78 8.17
CA ASN A 287 7.32 11.49 9.42
C ASN A 287 5.91 12.05 9.29
N PHE A 288 4.93 11.32 9.84
CA PHE A 288 3.52 11.69 9.77
C PHE A 288 3.18 13.15 10.07
N LYS A 289 3.56 13.61 11.26
CA LYS A 289 3.26 14.98 11.66
C LYS A 289 3.84 16.03 10.72
N GLN A 290 5.03 15.77 10.20
CA GLN A 290 5.68 16.73 9.32
C GLN A 290 5.17 16.76 7.88
N HIS A 291 4.69 15.63 7.37
CA HIS A 291 4.27 15.56 5.98
C HIS A 291 2.79 15.37 5.64
N ARG A 292 2.04 14.67 6.49
CA ARG A 292 0.63 14.43 6.21
C ARG A 292 -0.22 15.68 6.20
N GLN A 293 -1.29 15.64 5.40
CA GLN A 293 -2.23 16.75 5.27
C GLN A 293 -3.65 16.17 5.45
N PRO A 294 -3.94 15.64 6.64
CA PRO A 294 -5.24 15.04 6.96
C PRO A 294 -6.49 15.82 6.55
N GLN A 295 -6.37 17.14 6.38
CA GLN A 295 -7.53 17.95 6.00
C GLN A 295 -8.02 17.56 4.60
N HIS A 296 -7.21 16.84 3.85
CA HIS A 296 -7.59 16.43 2.50
C HIS A 296 -7.89 14.94 2.41
N TYR A 297 -7.92 14.26 3.55
CA TYR A 297 -8.18 12.82 3.58
C TYR A 297 -9.60 12.50 4.06
N GLY A 298 -10.39 13.54 4.35
CA GLY A 298 -11.74 13.35 4.84
C GLY A 298 -12.61 12.31 4.14
N LEU A 299 -12.51 12.24 2.82
CA LEU A 299 -13.33 11.29 2.07
C LEU A 299 -13.13 9.85 2.53
N ILE A 300 -11.94 9.52 3.02
CA ILE A 300 -11.66 8.16 3.47
C ILE A 300 -12.50 7.74 4.68
N ALA A 301 -12.86 8.72 5.52
CA ALA A 301 -13.65 8.42 6.71
C ALA A 301 -15.15 8.64 6.54
N GLU A 302 -15.56 9.09 5.35
CA GLU A 302 -16.99 9.32 5.09
C GLU A 302 -17.74 8.00 5.04
N LEU A 303 -18.90 7.95 5.70
CA LEU A 303 -19.71 6.75 5.72
C LEU A 303 -20.53 6.58 4.45
N THR B 1 -15.49 -0.04 -26.40
CA THR B 1 -14.99 -1.19 -25.59
C THR B 1 -14.19 -0.70 -24.39
N ARG B 2 -14.05 0.62 -24.28
CA ARG B 2 -13.31 1.24 -23.18
C ARG B 2 -11.85 0.80 -23.12
N GLN B 3 -11.19 0.86 -24.27
CA GLN B 3 -9.79 0.49 -24.38
C GLN B 3 -9.01 1.70 -24.88
N MET B 4 -7.72 1.72 -24.60
CA MET B 4 -6.86 2.80 -25.04
C MET B 4 -5.41 2.36 -24.87
N ILE B 5 -4.49 3.15 -25.39
CA ILE B 5 -3.08 2.84 -25.26
C ILE B 5 -2.45 3.98 -24.48
N LEU B 6 -1.90 3.63 -23.32
CA LEU B 6 -1.27 4.59 -22.43
C LEU B 6 0.25 4.55 -22.61
N ALA B 7 0.86 5.72 -22.59
CA ALA B 7 2.30 5.84 -22.75
C ALA B 7 2.90 6.65 -21.60
N VAL B 8 4.18 6.40 -21.36
CA VAL B 8 4.92 7.13 -20.34
C VAL B 8 6.14 7.68 -21.07
N GLY B 9 6.39 8.96 -20.90
CA GLY B 9 7.54 9.59 -21.53
C GLY B 9 8.57 9.96 -20.49
N GLN B 10 9.46 9.02 -20.20
CA GLN B 10 10.51 9.26 -19.22
C GLN B 10 11.48 10.27 -19.80
N GLN B 11 11.99 11.16 -18.96
CA GLN B 11 12.95 12.16 -19.38
C GLN B 11 14.34 11.84 -18.86
N GLY B 12 15.34 12.19 -19.64
CA GLY B 12 16.71 12.00 -19.20
C GLY B 12 16.97 13.30 -18.45
N PRO B 13 18.19 13.55 -17.98
CA PRO B 13 18.46 14.79 -17.25
C PRO B 13 18.17 16.07 -18.04
N ILE B 14 17.88 17.15 -17.30
CA ILE B 14 17.66 18.47 -17.89
C ILE B 14 18.66 19.37 -17.20
N ALA B 15 19.62 19.90 -17.96
CA ALA B 15 20.65 20.76 -17.41
C ALA B 15 20.13 22.13 -16.96
N ARG B 16 20.79 22.71 -15.97
CA ARG B 16 20.40 24.01 -15.46
C ARG B 16 20.38 25.03 -16.59
N ALA B 17 21.30 24.87 -17.53
CA ALA B 17 21.40 25.79 -18.66
C ALA B 17 20.51 25.40 -19.83
N GLU B 18 19.89 24.22 -19.76
CA GLU B 18 19.03 23.77 -20.85
C GLU B 18 17.76 24.60 -20.86
N THR B 19 17.43 25.16 -22.04
CA THR B 19 16.25 26.00 -22.19
C THR B 19 14.94 25.24 -22.35
N ARG B 20 13.83 25.93 -22.12
CA ARG B 20 12.52 25.34 -22.25
C ARG B 20 12.24 24.97 -23.70
N GLU B 21 12.78 25.76 -24.64
CA GLU B 21 12.59 25.45 -26.05
C GLU B 21 13.22 24.10 -26.35
N GLN B 22 14.40 23.87 -25.79
CA GLN B 22 15.12 22.63 -25.98
C GLN B 22 14.42 21.45 -25.29
N VAL B 23 13.79 21.71 -24.15
CA VAL B 23 13.07 20.65 -23.46
C VAL B 23 11.82 20.28 -24.25
N VAL B 24 11.12 21.29 -24.76
CA VAL B 24 9.90 21.07 -25.54
C VAL B 24 10.20 20.23 -26.78
N VAL B 25 11.39 20.39 -27.35
CA VAL B 25 11.75 19.61 -28.53
C VAL B 25 11.81 18.14 -28.14
N ARG B 26 12.37 17.87 -26.96
CA ARG B 26 12.49 16.50 -26.47
C ARG B 26 11.12 15.91 -26.14
N LEU B 27 10.22 16.74 -25.61
CA LEU B 27 8.89 16.29 -25.26
C LEU B 27 8.07 16.03 -26.53
N LEU B 28 8.22 16.91 -27.52
CA LEU B 28 7.50 16.73 -28.77
C LEU B 28 7.95 15.42 -29.43
N ASP B 29 9.24 15.14 -29.35
CA ASP B 29 9.79 13.93 -29.94
C ASP B 29 9.17 12.67 -29.31
N MET B 30 9.08 12.64 -27.99
CA MET B 30 8.50 11.49 -27.32
C MET B 30 7.01 11.38 -27.59
N LEU B 31 6.31 12.51 -27.56
CA LEU B 31 4.87 12.48 -27.81
C LEU B 31 4.59 11.92 -29.20
N THR B 32 5.38 12.34 -30.18
CA THR B 32 5.21 11.86 -31.55
C THR B 32 5.48 10.36 -31.63
N LYS B 33 6.56 9.92 -30.99
CA LYS B 33 6.91 8.51 -30.98
C LYS B 33 5.79 7.70 -30.36
N ALA B 34 5.27 8.17 -29.23
CA ALA B 34 4.18 7.46 -28.56
C ALA B 34 3.00 7.33 -29.51
N ALA B 35 2.61 8.44 -30.11
CA ALA B 35 1.48 8.47 -31.04
C ALA B 35 1.64 7.48 -32.17
N SER B 36 2.85 7.37 -32.69
CA SER B 36 3.13 6.44 -33.78
C SER B 36 2.89 5.01 -33.33
N ARG B 37 3.10 4.76 -32.03
CA ARG B 37 2.89 3.43 -31.48
C ARG B 37 1.46 3.23 -30.98
N GLY B 38 0.57 4.15 -31.37
CA GLY B 38 -0.83 4.04 -31.01
C GLY B 38 -1.29 4.63 -29.68
N ALA B 39 -0.42 5.32 -28.97
CA ALA B 39 -0.79 5.92 -27.69
C ALA B 39 -1.80 7.05 -27.82
N ASN B 40 -2.78 7.06 -26.90
CA ASN B 40 -3.82 8.07 -26.88
C ASN B 40 -3.56 9.06 -25.74
N PHE B 41 -2.58 8.74 -24.89
CA PHE B 41 -2.23 9.60 -23.75
C PHE B 41 -0.81 9.27 -23.30
N ILE B 42 -0.05 10.29 -22.91
CA ILE B 42 1.31 10.08 -22.45
C ILE B 42 1.59 10.86 -21.19
N VAL B 43 2.20 10.20 -20.21
CA VAL B 43 2.53 10.82 -18.93
C VAL B 43 3.98 11.27 -18.94
N PHE B 44 4.20 12.54 -18.59
CA PHE B 44 5.54 13.13 -18.52
C PHE B 44 5.89 13.32 -17.04
N PRO B 45 7.18 13.54 -16.73
CA PRO B 45 7.64 13.73 -15.35
C PRO B 45 7.17 14.96 -14.57
N GLU B 46 7.49 14.94 -13.28
CA GLU B 46 7.20 16.04 -12.37
C GLU B 46 8.19 17.13 -12.78
N LEU B 47 7.79 18.40 -12.72
CA LEU B 47 8.66 19.52 -13.10
C LEU B 47 9.48 19.14 -14.33
N ALA B 48 8.78 18.84 -15.42
CA ALA B 48 9.40 18.41 -16.66
C ALA B 48 9.92 19.47 -17.61
N LEU B 49 9.86 20.75 -17.23
CA LEU B 49 10.34 21.80 -18.14
C LEU B 49 11.69 22.39 -17.75
N THR B 50 12.20 22.00 -16.60
CA THR B 50 13.48 22.51 -16.11
C THR B 50 14.23 21.44 -15.32
N THR B 51 15.41 21.81 -14.85
CA THR B 51 16.23 20.93 -14.04
C THR B 51 15.52 20.94 -12.67
N PHE B 52 15.80 19.95 -11.82
CA PHE B 52 15.16 19.91 -10.50
C PHE B 52 15.82 20.96 -9.59
N PHE B 53 15.40 22.21 -9.74
CA PHE B 53 15.98 23.31 -8.97
C PHE B 53 15.91 23.22 -7.44
N PRO B 54 14.95 22.47 -6.88
CA PRO B 54 14.91 22.40 -5.42
C PRO B 54 16.19 21.86 -4.78
N ARG B 55 17.12 21.35 -5.58
CA ARG B 55 18.36 20.82 -5.05
C ARG B 55 19.37 21.90 -4.65
N TRP B 56 19.05 23.16 -4.94
CA TRP B 56 19.92 24.27 -4.60
C TRP B 56 19.24 25.33 -3.75
N HIS B 57 20.01 25.97 -2.89
CA HIS B 57 19.50 27.03 -2.04
C HIS B 57 19.66 28.34 -2.82
N PHE B 58 18.57 29.08 -3.02
CA PHE B 58 18.65 30.33 -3.76
C PHE B 58 18.56 31.55 -2.83
N THR B 59 19.35 32.57 -3.15
CA THR B 59 19.35 33.80 -2.37
C THR B 59 18.71 34.90 -3.21
N ASP B 60 18.78 34.73 -4.53
CA ASP B 60 18.21 35.69 -5.47
C ASP B 60 16.82 35.23 -5.89
N GLU B 61 15.79 35.98 -5.50
CA GLU B 61 14.42 35.63 -5.83
C GLU B 61 14.13 35.63 -7.33
N ALA B 62 14.81 36.50 -8.07
CA ALA B 62 14.60 36.55 -9.52
C ALA B 62 15.07 35.24 -10.14
N GLU B 63 16.15 34.69 -9.61
CA GLU B 63 16.70 33.44 -10.11
C GLU B 63 15.76 32.28 -9.80
N LEU B 64 15.20 32.28 -8.59
CA LEU B 64 14.27 31.23 -8.21
C LEU B 64 13.06 31.26 -9.14
N ASP B 65 12.51 32.46 -9.34
CA ASP B 65 11.35 32.65 -10.20
C ASP B 65 11.56 32.20 -11.64
N SER B 66 12.80 32.18 -12.09
CA SER B 66 13.09 31.79 -13.47
C SER B 66 12.67 30.36 -13.78
N PHE B 67 12.58 29.52 -12.76
CA PHE B 67 12.19 28.13 -12.96
C PHE B 67 10.69 27.90 -12.95
N TYR B 68 9.91 28.94 -12.68
CA TYR B 68 8.45 28.80 -12.62
C TYR B 68 7.73 29.31 -13.85
N GLU B 69 6.61 28.66 -14.16
CA GLU B 69 5.76 29.04 -15.30
C GLU B 69 4.70 30.01 -14.80
N THR B 70 4.49 31.08 -15.54
CA THR B 70 3.48 32.07 -15.15
C THR B 70 2.29 31.93 -16.10
N GLU B 71 2.49 31.11 -17.13
CA GLU B 71 1.46 30.83 -18.13
C GLU B 71 1.53 29.36 -18.46
N MET B 72 0.41 28.80 -18.91
CA MET B 72 0.37 27.40 -19.29
C MET B 72 -0.78 27.16 -20.27
N PRO B 73 -0.46 27.03 -21.57
CA PRO B 73 0.92 27.11 -22.08
C PRO B 73 1.34 28.52 -22.49
N GLY B 74 2.64 28.75 -22.47
CA GLY B 74 3.16 30.03 -22.90
C GLY B 74 3.55 29.80 -24.35
N PRO B 75 4.10 30.79 -25.05
CA PRO B 75 4.49 30.59 -26.45
C PRO B 75 5.47 29.44 -26.65
N VAL B 76 6.38 29.25 -25.70
CA VAL B 76 7.38 28.19 -25.79
C VAL B 76 6.83 26.78 -25.66
N VAL B 77 5.90 26.58 -24.74
CA VAL B 77 5.32 25.26 -24.53
C VAL B 77 4.13 25.00 -25.44
N ARG B 78 3.57 26.08 -25.99
CA ARG B 78 2.43 26.00 -26.89
C ARG B 78 2.54 24.88 -27.94
N PRO B 79 3.72 24.72 -28.57
CA PRO B 79 3.88 23.68 -29.59
C PRO B 79 3.48 22.28 -29.13
N LEU B 80 3.76 21.95 -27.87
CA LEU B 80 3.42 20.63 -27.34
C LEU B 80 1.90 20.42 -27.40
N PHE B 81 1.16 21.43 -26.96
CA PHE B 81 -0.30 21.36 -26.96
C PHE B 81 -0.84 21.22 -28.38
N GLU B 82 -0.25 21.98 -29.30
CA GLU B 82 -0.69 21.92 -30.69
C GLU B 82 -0.47 20.53 -31.29
N LYS B 83 0.68 19.94 -31.00
CA LYS B 83 0.98 18.61 -31.53
C LYS B 83 0.09 17.56 -30.89
N ALA B 84 -0.18 17.72 -29.61
CA ALA B 84 -1.02 16.78 -28.89
C ALA B 84 -2.39 16.74 -29.55
N ALA B 85 -2.91 17.93 -29.87
CA ALA B 85 -4.22 18.02 -30.52
C ALA B 85 -4.16 17.45 -31.93
N GLU B 86 -3.06 17.71 -32.63
CA GLU B 86 -2.89 17.23 -33.99
C GLU B 86 -2.92 15.71 -34.07
N LEU B 87 -2.07 15.08 -33.28
CA LEU B 87 -1.96 13.62 -33.26
C LEU B 87 -3.01 12.92 -32.40
N GLY B 88 -3.83 13.70 -31.70
CA GLY B 88 -4.87 13.09 -30.87
C GLY B 88 -4.31 12.30 -29.69
N ILE B 89 -3.37 12.91 -28.98
CA ILE B 89 -2.78 12.26 -27.81
C ILE B 89 -2.70 13.25 -26.65
N GLY B 90 -3.44 12.95 -25.59
CA GLY B 90 -3.44 13.81 -24.43
C GLY B 90 -2.17 13.58 -23.64
N PHE B 91 -1.97 14.34 -22.57
CA PHE B 91 -0.77 14.18 -21.77
C PHE B 91 -0.91 14.77 -20.37
N ASN B 92 0.01 14.37 -19.50
CA ASN B 92 0.07 14.86 -18.13
C ASN B 92 1.43 15.54 -18.04
N LEU B 93 1.42 16.86 -17.82
CA LEU B 93 2.67 17.61 -17.74
C LEU B 93 2.87 18.23 -16.36
N GLY B 94 4.08 18.06 -15.81
CA GLY B 94 4.38 18.62 -14.51
C GLY B 94 5.27 19.84 -14.68
N TYR B 95 5.06 20.86 -13.84
CA TYR B 95 5.85 22.09 -13.92
C TYR B 95 5.72 22.91 -12.63
N ALA B 96 6.61 23.89 -12.46
CA ALA B 96 6.57 24.75 -11.28
C ALA B 96 5.65 25.92 -11.60
N GLU B 97 4.60 26.08 -10.78
CA GLU B 97 3.62 27.13 -11.00
C GLU B 97 3.73 28.32 -10.04
N LEU B 98 3.84 29.52 -10.62
CA LEU B 98 3.92 30.75 -9.85
C LEU B 98 2.68 31.58 -10.17
N VAL B 99 1.88 31.86 -9.15
CA VAL B 99 0.67 32.65 -9.34
C VAL B 99 0.50 33.65 -8.20
N VAL B 100 0.23 34.89 -8.56
CA VAL B 100 0.04 35.95 -7.58
C VAL B 100 -1.43 36.13 -7.24
N GLU B 101 -1.77 35.94 -5.97
CA GLU B 101 -3.15 36.09 -5.51
C GLU B 101 -3.18 36.87 -4.22
N GLY B 102 -4.02 37.90 -4.17
CA GLY B 102 -4.12 38.73 -2.97
C GLY B 102 -2.80 39.20 -2.40
N GLY B 103 -1.89 39.62 -3.27
CA GLY B 103 -0.60 40.11 -2.80
C GLY B 103 0.41 39.04 -2.40
N VAL B 104 0.07 37.78 -2.61
CA VAL B 104 0.97 36.68 -2.26
C VAL B 104 1.48 35.95 -3.50
N LYS B 105 2.79 35.72 -3.55
CA LYS B 105 3.36 35.00 -4.69
C LYS B 105 3.27 33.53 -4.32
N ARG B 106 2.25 32.85 -4.83
CA ARG B 106 2.06 31.44 -4.54
C ARG B 106 2.86 30.56 -5.47
N ARG B 107 3.49 29.53 -4.90
CA ARG B 107 4.31 28.60 -5.67
C ARG B 107 3.81 27.19 -5.45
N PHE B 108 3.51 26.48 -6.55
CA PHE B 108 3.03 25.11 -6.45
C PHE B 108 3.84 24.17 -7.35
N ASN B 109 3.91 22.91 -6.92
CA ASN B 109 4.58 21.87 -7.69
C ASN B 109 3.32 21.34 -8.37
N THR B 110 3.16 21.67 -9.64
CA THR B 110 1.93 21.35 -10.37
C THR B 110 1.98 20.36 -11.53
N SER B 111 0.82 19.79 -11.87
CA SER B 111 0.67 18.86 -12.98
C SER B 111 -0.70 19.10 -13.59
N ILE B 112 -0.81 18.96 -14.91
CA ILE B 112 -2.08 19.16 -15.59
C ILE B 112 -2.38 18.00 -16.54
N LEU B 113 -3.66 17.76 -16.76
CA LEU B 113 -4.10 16.73 -17.68
C LEU B 113 -4.67 17.44 -18.90
N VAL B 114 -4.17 17.09 -20.07
CA VAL B 114 -4.63 17.68 -21.31
C VAL B 114 -5.21 16.53 -22.12
N ASP B 115 -6.41 16.72 -22.69
CA ASP B 115 -7.02 15.66 -23.48
C ASP B 115 -6.48 15.61 -24.90
N LYS B 116 -6.99 14.67 -25.70
CA LYS B 116 -6.51 14.48 -27.06
C LYS B 116 -6.88 15.61 -28.02
N SER B 117 -7.55 16.63 -27.50
CA SER B 117 -7.91 17.79 -28.31
C SER B 117 -7.01 18.97 -27.92
N GLY B 118 -6.05 18.69 -27.04
CA GLY B 118 -5.12 19.71 -26.60
C GLY B 118 -5.69 20.66 -25.57
N LYS B 119 -6.83 20.29 -24.99
CA LYS B 119 -7.50 21.11 -23.98
C LYS B 119 -7.16 20.67 -22.56
N ILE B 120 -6.85 21.64 -21.71
CA ILE B 120 -6.52 21.35 -20.32
C ILE B 120 -7.81 20.93 -19.61
N VAL B 121 -7.85 19.68 -19.15
CA VAL B 121 -9.02 19.14 -18.47
C VAL B 121 -9.03 19.37 -16.96
N GLY B 122 -7.85 19.29 -16.34
CA GLY B 122 -7.78 19.49 -14.90
C GLY B 122 -6.38 19.72 -14.39
N LYS B 123 -6.28 20.28 -13.20
CA LYS B 123 -4.99 20.56 -12.57
C LYS B 123 -4.90 19.92 -11.19
N TYR B 124 -3.68 19.71 -10.74
CA TYR B 124 -3.41 19.15 -9.42
C TYR B 124 -2.15 19.80 -8.90
N ARG B 125 -2.14 20.12 -7.62
CA ARG B 125 -0.98 20.72 -6.98
C ARG B 125 -0.52 19.81 -5.86
N LYS B 126 0.75 19.40 -5.94
CA LYS B 126 1.36 18.49 -4.99
C LYS B 126 1.05 18.79 -3.53
N ILE B 127 0.39 17.84 -2.87
CA ILE B 127 0.02 18.00 -1.47
C ILE B 127 1.10 17.48 -0.52
N HIS B 128 1.79 16.41 -0.90
CA HIS B 128 2.85 15.87 -0.05
C HIS B 128 4.21 16.35 -0.52
N LEU B 129 4.72 17.40 0.12
CA LEU B 129 6.01 17.96 -0.22
C LEU B 129 7.09 17.33 0.65
N PRO B 130 8.04 16.61 0.03
CA PRO B 130 9.11 15.97 0.81
C PRO B 130 10.26 16.93 1.06
N GLY B 131 11.29 16.44 1.73
CA GLY B 131 12.46 17.26 1.97
C GLY B 131 12.46 18.15 3.19
N HIS B 132 13.01 19.34 3.02
CA HIS B 132 13.14 20.29 4.11
C HIS B 132 12.84 21.72 3.69
N LYS B 133 12.82 22.61 4.68
CA LYS B 133 12.54 24.03 4.42
C LYS B 133 13.78 24.93 4.53
N GLU B 134 14.76 24.50 5.31
CA GLU B 134 15.98 25.29 5.49
C GLU B 134 17.21 24.58 4.95
N TYR B 135 18.15 25.35 4.44
CA TYR B 135 19.39 24.80 3.92
C TYR B 135 20.03 23.89 4.96
N GLU B 136 20.41 22.69 4.55
CA GLU B 136 21.04 21.72 5.45
C GLU B 136 22.44 21.37 4.96
N ALA B 137 23.44 21.80 5.72
CA ALA B 137 24.84 21.59 5.39
C ALA B 137 25.28 20.14 5.20
N TYR B 138 24.79 19.24 6.04
CA TYR B 138 25.17 17.83 5.94
C TYR B 138 24.72 17.13 4.67
N ARG B 139 23.87 17.77 3.88
CA ARG B 139 23.39 17.16 2.64
C ARG B 139 24.29 17.47 1.45
N PRO B 140 24.61 16.46 0.64
CA PRO B 140 25.47 16.64 -0.53
C PRO B 140 24.73 17.47 -1.59
N PHE B 141 23.40 17.46 -1.49
CA PHE B 141 22.53 18.21 -2.37
C PHE B 141 21.23 18.40 -1.61
N GLN B 142 20.61 19.57 -1.77
CA GLN B 142 19.39 19.88 -1.07
C GLN B 142 18.13 19.32 -1.74
N HIS B 143 17.01 19.44 -1.03
CA HIS B 143 15.71 19.03 -1.54
C HIS B 143 14.73 19.95 -0.84
N LEU B 144 14.82 21.22 -1.18
CA LEU B 144 14.01 22.27 -0.57
C LEU B 144 12.61 22.47 -1.11
N GLU B 145 11.87 21.38 -1.33
CA GLU B 145 10.50 21.51 -1.83
C GLU B 145 9.59 22.25 -0.84
N LYS B 146 9.80 22.01 0.45
CA LYS B 146 8.99 22.67 1.47
C LYS B 146 9.25 24.17 1.48
N ARG B 147 10.36 24.58 0.88
CA ARG B 147 10.72 25.99 0.83
C ARG B 147 10.19 26.66 -0.44
N TYR B 148 10.30 25.94 -1.56
CA TYR B 148 9.90 26.47 -2.86
C TYR B 148 8.45 26.23 -3.28
N PHE B 149 7.71 25.45 -2.50
CA PHE B 149 6.32 25.15 -2.79
C PHE B 149 5.50 25.14 -1.52
N GLU B 150 4.20 25.33 -1.66
CA GLU B 150 3.29 25.26 -0.53
C GLU B 150 2.37 24.09 -0.88
N PRO B 151 1.90 23.34 0.14
CA PRO B 151 1.03 22.20 -0.13
C PRO B 151 -0.12 22.57 -1.08
N GLY B 152 -0.43 21.67 -2.01
CA GLY B 152 -1.52 21.93 -2.96
C GLY B 152 -2.83 22.27 -2.29
N ASP B 153 -3.64 23.07 -2.98
CA ASP B 153 -4.93 23.51 -2.47
C ASP B 153 -6.12 23.01 -3.30
N LEU B 154 -5.92 21.93 -4.05
CA LEU B 154 -6.98 21.38 -4.89
C LEU B 154 -7.43 19.99 -4.47
N GLY B 155 -6.88 19.48 -3.38
CA GLY B 155 -7.23 18.15 -2.92
C GLY B 155 -6.74 17.14 -3.93
N PHE B 156 -7.34 15.94 -3.96
CA PHE B 156 -6.94 14.91 -4.91
C PHE B 156 -8.13 14.64 -5.82
N PRO B 157 -8.30 15.48 -6.85
CA PRO B 157 -9.42 15.32 -7.79
C PRO B 157 -9.25 14.23 -8.84
N VAL B 158 -10.36 13.85 -9.44
CA VAL B 158 -10.38 12.85 -10.49
C VAL B 158 -11.16 13.50 -11.63
N TYR B 159 -10.54 13.57 -12.81
CA TYR B 159 -11.17 14.20 -13.95
C TYR B 159 -11.50 13.25 -15.09
N ASP B 160 -12.49 13.62 -15.89
CA ASP B 160 -12.88 12.84 -17.04
C ASP B 160 -11.99 13.31 -18.17
N VAL B 161 -11.11 12.44 -18.65
CA VAL B 161 -10.22 12.78 -19.74
C VAL B 161 -10.47 11.80 -20.87
N ASP B 162 -11.10 12.27 -21.93
CA ASP B 162 -11.42 11.42 -23.06
C ASP B 162 -12.05 10.09 -22.64
N ALA B 163 -13.12 10.16 -21.87
CA ALA B 163 -13.83 8.96 -21.42
C ALA B 163 -13.06 8.06 -20.44
N ALA B 164 -12.07 8.62 -19.76
CA ALA B 164 -11.32 7.87 -18.77
C ALA B 164 -11.26 8.71 -17.51
N LYS B 165 -11.49 8.09 -16.36
CA LYS B 165 -11.43 8.81 -15.09
C LYS B 165 -9.96 8.80 -14.68
N MET B 166 -9.32 9.96 -14.69
CA MET B 166 -7.90 10.03 -14.32
C MET B 166 -7.62 10.89 -13.10
N GLY B 167 -6.79 10.36 -12.20
CA GLY B 167 -6.41 11.08 -11.01
C GLY B 167 -4.91 11.36 -11.11
N MET B 168 -4.47 12.46 -10.52
CA MET B 168 -3.06 12.82 -10.57
C MET B 168 -2.36 12.78 -9.22
N PHE B 169 -1.09 12.40 -9.26
CA PHE B 169 -0.25 12.36 -8.08
C PHE B 169 1.06 12.94 -8.57
N ILE B 170 1.84 13.50 -7.66
CA ILE B 170 3.12 14.03 -8.06
C ILE B 170 4.21 13.49 -7.15
N ALA B 171 5.14 12.76 -7.75
CA ALA B 171 6.28 12.17 -7.05
C ALA B 171 5.99 11.58 -5.68
N ASN B 172 6.49 12.23 -4.62
CA ASN B 172 6.31 11.76 -3.25
C ASN B 172 4.88 11.35 -2.90
N ASP B 173 3.89 11.93 -3.58
CA ASP B 173 2.48 11.59 -3.33
C ASP B 173 2.23 10.10 -3.47
N ARG B 174 2.92 9.48 -4.42
CA ARG B 174 2.73 8.06 -4.70
C ARG B 174 3.00 7.12 -3.55
N ARG B 175 3.72 7.61 -2.54
CA ARG B 175 4.05 6.79 -1.37
C ARG B 175 3.01 6.87 -0.25
N TRP B 176 2.03 7.76 -0.39
CA TRP B 176 1.00 7.90 0.65
C TRP B 176 -0.31 7.24 0.24
N PRO B 177 -0.71 6.19 0.97
CA PRO B 177 -1.95 5.49 0.65
C PRO B 177 -3.18 6.39 0.62
N GLU B 178 -3.17 7.46 1.41
CA GLU B 178 -4.29 8.39 1.44
C GLU B 178 -4.58 9.04 0.08
N ALA B 179 -3.52 9.42 -0.63
CA ALA B 179 -3.67 10.05 -1.95
C ALA B 179 -4.35 9.06 -2.91
N TRP B 180 -3.83 7.84 -2.96
CA TRP B 180 -4.43 6.82 -3.82
C TRP B 180 -5.88 6.54 -3.44
N ARG B 181 -6.13 6.35 -2.15
CA ARG B 181 -7.48 6.02 -1.68
C ARG B 181 -8.53 7.08 -1.97
N VAL B 182 -8.20 8.36 -1.80
CA VAL B 182 -9.14 9.42 -2.07
C VAL B 182 -9.55 9.40 -3.55
N MET B 183 -8.56 9.23 -4.43
CA MET B 183 -8.84 9.18 -5.85
C MET B 183 -9.54 7.86 -6.18
N GLY B 184 -9.17 6.81 -5.45
CA GLY B 184 -9.79 5.52 -5.65
C GLY B 184 -11.27 5.63 -5.30
N LEU B 185 -11.56 6.33 -4.21
CA LEU B 185 -12.94 6.52 -3.77
C LEU B 185 -13.70 7.41 -4.77
N ARG B 186 -12.97 8.26 -5.49
CA ARG B 186 -13.60 9.13 -6.47
C ARG B 186 -13.75 8.42 -7.82
N GLY B 187 -13.46 7.12 -7.84
CA GLY B 187 -13.61 6.34 -9.06
C GLY B 187 -12.53 6.35 -10.12
N ALA B 188 -11.33 6.78 -9.78
CA ALA B 188 -10.23 6.82 -10.75
C ALA B 188 -9.97 5.46 -11.38
N GLU B 189 -9.80 5.44 -12.70
CA GLU B 189 -9.51 4.19 -13.42
C GLU B 189 -8.02 4.20 -13.74
N ILE B 190 -7.46 5.40 -13.83
CA ILE B 190 -6.04 5.60 -14.11
C ILE B 190 -5.51 6.66 -13.13
N ILE B 191 -4.44 6.33 -12.43
CA ILE B 191 -3.82 7.28 -11.52
C ILE B 191 -2.41 7.43 -12.04
N CYS B 192 -2.04 8.66 -12.44
CA CYS B 192 -0.73 8.88 -13.02
C CYS B 192 -0.01 10.13 -12.56
N GLY B 193 1.30 10.15 -12.79
CA GLY B 193 2.13 11.29 -12.41
C GLY B 193 3.59 11.01 -12.71
N GLY B 194 4.46 11.92 -12.30
CA GLY B 194 5.89 11.76 -12.55
C GLY B 194 6.71 11.99 -11.30
N TYR B 195 8.03 11.88 -11.41
CA TYR B 195 8.87 12.04 -10.25
C TYR B 195 10.34 12.37 -10.51
N ASN B 196 10.97 12.88 -9.47
CA ASN B 196 12.39 13.21 -9.45
C ASN B 196 12.84 12.61 -8.13
N THR B 197 13.32 11.38 -8.21
CA THR B 197 13.75 10.63 -7.04
C THR B 197 15.23 10.29 -7.02
N PRO B 198 16.04 11.09 -6.31
CA PRO B 198 17.47 10.80 -6.27
C PRO B 198 17.68 9.39 -5.71
N THR B 199 18.67 8.67 -6.24
CA THR B 199 18.95 7.33 -5.75
C THR B 199 19.71 7.38 -4.44
N HIS B 200 20.01 8.60 -3.99
CA HIS B 200 20.70 8.80 -2.72
C HIS B 200 19.83 9.66 -1.82
N ASN B 201 19.66 9.23 -0.57
CA ASN B 201 18.88 9.99 0.37
C ASN B 201 19.76 10.34 1.57
N PRO B 202 20.20 11.59 1.67
CA PRO B 202 21.06 12.04 2.77
C PRO B 202 20.60 11.68 4.20
N PRO B 203 19.30 11.88 4.51
CA PRO B 203 18.78 11.57 5.86
C PRO B 203 18.89 10.10 6.25
N VAL B 204 18.58 9.21 5.32
CA VAL B 204 18.63 7.78 5.56
C VAL B 204 19.28 7.08 4.37
N PRO B 205 20.62 7.20 4.24
CA PRO B 205 21.34 6.58 3.13
C PRO B 205 21.31 5.05 3.13
N GLN B 206 20.96 4.46 4.28
CA GLN B 206 20.92 3.00 4.35
C GLN B 206 19.75 2.43 3.55
N HIS B 207 18.99 3.29 2.90
CA HIS B 207 17.86 2.85 2.08
C HIS B 207 18.16 3.12 0.59
N ASP B 208 19.37 3.60 0.31
CA ASP B 208 19.76 3.93 -1.06
C ASP B 208 19.56 2.78 -2.05
N HIS B 209 20.04 1.58 -1.67
CA HIS B 209 19.92 0.43 -2.55
C HIS B 209 18.48 -0.07 -2.72
N LEU B 210 17.55 0.57 -2.00
CA LEU B 210 16.13 0.21 -2.06
C LEU B 210 15.30 1.25 -2.81
N THR B 211 15.96 2.21 -3.46
CA THR B 211 15.21 3.26 -4.14
C THR B 211 14.22 2.73 -5.18
N SER B 212 14.66 1.80 -6.04
CA SER B 212 13.77 1.25 -7.05
C SER B 212 12.65 0.47 -6.36
N PHE B 213 13.03 -0.44 -5.47
CA PHE B 213 12.09 -1.26 -4.72
C PHE B 213 10.95 -0.43 -4.12
N HIS B 214 11.29 0.62 -3.38
CA HIS B 214 10.28 1.45 -2.74
C HIS B 214 9.38 2.18 -3.73
N HIS B 215 9.95 2.61 -4.85
CA HIS B 215 9.19 3.30 -5.88
C HIS B 215 8.19 2.33 -6.51
N LEU B 216 8.67 1.17 -6.94
CA LEU B 216 7.79 0.19 -7.57
C LEU B 216 6.80 -0.40 -6.57
N LEU B 217 7.23 -0.58 -5.33
CA LEU B 217 6.34 -1.13 -4.31
C LEU B 217 5.13 -0.19 -4.14
N SER B 218 5.39 1.12 -4.13
CA SER B 218 4.33 2.10 -3.96
C SER B 218 3.36 2.10 -5.14
N MET B 219 3.89 2.02 -6.35
CA MET B 219 3.06 2.01 -7.55
C MET B 219 2.20 0.75 -7.63
N GLN B 220 2.81 -0.39 -7.37
CA GLN B 220 2.08 -1.65 -7.44
C GLN B 220 1.00 -1.78 -6.36
N ALA B 221 1.34 -1.42 -5.13
CA ALA B 221 0.38 -1.52 -4.03
C ALA B 221 -0.77 -0.54 -4.23
N GLY B 222 -0.46 0.68 -4.69
CA GLY B 222 -1.50 1.65 -4.93
C GLY B 222 -2.49 1.19 -5.99
N SER B 223 -1.98 0.67 -7.09
CA SER B 223 -2.82 0.19 -8.18
C SER B 223 -3.72 -0.95 -7.72
N TYR B 224 -3.10 -1.98 -7.15
CA TYR B 224 -3.82 -3.16 -6.67
C TYR B 224 -4.95 -2.83 -5.69
N GLN B 225 -4.61 -2.20 -4.59
CA GLN B 225 -5.60 -1.91 -3.57
C GLN B 225 -6.73 -0.95 -3.95
N ASN B 226 -6.57 -0.26 -5.09
CA ASN B 226 -7.61 0.64 -5.57
C ASN B 226 -8.16 0.17 -6.91
N GLY B 227 -7.62 -0.94 -7.40
CA GLY B 227 -8.06 -1.48 -8.68
C GLY B 227 -7.93 -0.45 -9.77
N ALA B 228 -6.82 0.28 -9.77
CA ALA B 228 -6.59 1.32 -10.77
C ALA B 228 -5.32 1.10 -11.60
N TRP B 229 -5.40 1.43 -12.89
CA TRP B 229 -4.22 1.34 -13.75
C TRP B 229 -3.40 2.52 -13.26
N SER B 230 -2.08 2.47 -13.39
CA SER B 230 -1.28 3.61 -12.96
C SER B 230 -0.04 3.76 -13.83
N ALA B 231 0.58 4.92 -13.77
CA ALA B 231 1.77 5.17 -14.55
C ALA B 231 2.59 6.24 -13.86
N ALA B 232 3.91 6.05 -13.87
CA ALA B 232 4.82 6.99 -13.23
C ALA B 232 5.96 7.31 -14.20
N ALA B 233 6.11 8.59 -14.52
CA ALA B 233 7.17 9.03 -15.42
C ALA B 233 8.24 9.76 -14.64
N GLY B 234 9.44 9.21 -14.60
CA GLY B 234 10.48 9.89 -13.87
C GLY B 234 11.44 10.62 -14.77
N LYS B 235 12.18 11.55 -14.19
CA LYS B 235 13.22 12.26 -14.92
C LYS B 235 14.40 11.58 -14.25
N ALA B 236 15.17 10.84 -15.04
CA ALA B 236 16.29 10.08 -14.49
C ALA B 236 17.66 10.45 -15.03
N GLY B 237 18.67 9.75 -14.56
CA GLY B 237 20.03 9.99 -15.00
C GLY B 237 20.75 10.98 -14.12
N MET B 238 22.02 11.19 -14.44
CA MET B 238 22.87 12.12 -13.68
C MET B 238 22.53 13.56 -14.06
N GLU B 239 21.71 14.22 -13.25
CA GLU B 239 21.33 15.60 -13.52
C GLU B 239 22.03 16.55 -12.55
N GLU B 240 22.91 17.39 -13.07
CA GLU B 240 23.65 18.34 -12.25
C GLU B 240 24.32 17.64 -11.08
N ASN B 241 25.00 16.53 -11.37
CA ASN B 241 25.72 15.75 -10.35
C ASN B 241 24.88 14.99 -9.35
N CYS B 242 23.59 14.83 -9.64
CA CYS B 242 22.71 14.06 -8.77
C CYS B 242 22.03 12.98 -9.58
N MET B 243 22.29 11.72 -9.25
CA MET B 243 21.71 10.61 -9.98
C MET B 243 20.23 10.47 -9.62
N LEU B 244 19.38 10.47 -10.65
CA LEU B 244 17.95 10.32 -10.45
C LEU B 244 17.48 8.94 -10.89
N LEU B 245 16.53 8.40 -10.14
CA LEU B 245 15.97 7.08 -10.40
C LEU B 245 15.19 6.96 -11.70
N GLY B 246 15.39 5.83 -12.37
CA GLY B 246 14.68 5.55 -13.61
C GLY B 246 13.48 4.70 -13.29
N HIS B 247 13.37 3.55 -13.94
CA HIS B 247 12.27 2.63 -13.72
C HIS B 247 10.89 3.28 -13.79
N SER B 248 10.66 4.03 -14.85
CA SER B 248 9.36 4.65 -15.09
C SER B 248 8.48 3.44 -15.37
N CYS B 249 7.18 3.54 -15.13
CA CYS B 249 6.35 2.35 -15.32
C CYS B 249 4.87 2.56 -15.57
N ILE B 250 4.22 1.49 -16.04
CA ILE B 250 2.79 1.47 -16.25
C ILE B 250 2.37 0.21 -15.50
N VAL B 251 1.35 0.33 -14.68
CA VAL B 251 0.90 -0.77 -13.84
C VAL B 251 -0.59 -1.07 -14.00
N ALA B 252 -0.93 -2.36 -14.03
CA ALA B 252 -2.31 -2.80 -14.16
C ALA B 252 -3.05 -2.69 -12.82
N PRO B 253 -4.39 -2.72 -12.85
CA PRO B 253 -5.22 -2.62 -11.64
C PRO B 253 -4.96 -3.76 -10.64
N THR B 254 -4.25 -4.78 -11.11
CA THR B 254 -3.90 -5.94 -10.29
C THR B 254 -2.56 -5.69 -9.62
N GLY B 255 -1.91 -4.58 -9.97
CA GLY B 255 -0.61 -4.26 -9.40
C GLY B 255 0.55 -4.80 -10.22
N GLU B 256 0.22 -5.50 -11.31
CA GLU B 256 1.23 -6.09 -12.18
C GLU B 256 1.88 -5.01 -13.05
N ILE B 257 3.21 -4.93 -13.02
CA ILE B 257 3.90 -3.95 -13.85
C ILE B 257 3.84 -4.45 -15.30
N VAL B 258 3.18 -3.70 -16.18
CA VAL B 258 3.06 -4.11 -17.57
C VAL B 258 4.09 -3.47 -18.50
N ALA B 259 4.73 -2.40 -18.04
CA ALA B 259 5.74 -1.73 -18.85
C ALA B 259 6.73 -1.06 -17.91
N LEU B 260 8.01 -1.12 -18.25
CA LEU B 260 9.06 -0.55 -17.41
C LEU B 260 10.22 -0.07 -18.28
N THR B 261 10.71 1.15 -18.02
CA THR B 261 11.85 1.64 -18.79
C THR B 261 13.12 1.00 -18.27
N THR B 262 14.14 0.93 -19.11
CA THR B 262 15.40 0.34 -18.69
C THR B 262 16.59 1.27 -18.86
N THR B 263 16.39 2.42 -19.51
CA THR B 263 17.47 3.37 -19.67
C THR B 263 17.28 4.51 -18.68
N LEU B 264 18.19 5.47 -18.69
CA LEU B 264 18.11 6.64 -17.82
C LEU B 264 18.08 7.89 -18.70
N GLU B 265 17.52 7.73 -19.89
CA GLU B 265 17.41 8.83 -20.86
C GLU B 265 15.96 9.01 -21.29
N ASP B 266 15.70 9.91 -22.22
CA ASP B 266 14.33 10.11 -22.69
C ASP B 266 13.90 8.74 -23.21
N GLU B 267 12.81 8.19 -22.68
CA GLU B 267 12.36 6.88 -23.12
C GLU B 267 10.84 6.75 -23.07
N VAL B 268 10.27 6.19 -24.13
CA VAL B 268 8.83 6.01 -24.21
C VAL B 268 8.46 4.53 -24.08
N ILE B 269 7.48 4.24 -23.23
CA ILE B 269 7.00 2.89 -23.07
C ILE B 269 5.50 3.01 -23.20
N THR B 270 4.85 1.93 -23.64
CA THR B 270 3.41 1.96 -23.79
C THR B 270 2.79 0.64 -23.35
N ALA B 271 1.49 0.66 -23.11
CA ALA B 271 0.79 -0.54 -22.71
C ALA B 271 -0.68 -0.38 -23.06
N ALA B 272 -1.30 -1.47 -23.49
CA ALA B 272 -2.72 -1.42 -23.82
C ALA B 272 -3.49 -1.33 -22.50
N VAL B 273 -4.48 -0.46 -22.46
CA VAL B 273 -5.27 -0.28 -21.24
C VAL B 273 -6.76 -0.53 -21.45
N ASP B 274 -7.31 -1.44 -20.64
CA ASP B 274 -8.72 -1.78 -20.68
C ASP B 274 -9.32 -1.26 -19.37
N LEU B 275 -10.06 -0.16 -19.45
CA LEU B 275 -10.65 0.45 -18.26
C LEU B 275 -11.56 -0.48 -17.48
N ASP B 276 -12.20 -1.42 -18.16
CA ASP B 276 -13.09 -2.36 -17.47
C ASP B 276 -12.32 -3.36 -16.62
N ARG B 277 -11.01 -3.43 -16.81
CA ARG B 277 -10.21 -4.36 -16.03
C ARG B 277 -10.27 -4.00 -14.55
N CYS B 278 -10.55 -2.72 -14.28
CA CYS B 278 -10.62 -2.25 -12.90
C CYS B 278 -11.68 -3.01 -12.10
N ARG B 279 -12.72 -3.49 -12.80
CA ARG B 279 -13.81 -4.23 -12.16
C ARG B 279 -13.37 -5.53 -11.48
N GLU B 280 -12.34 -6.17 -12.01
CA GLU B 280 -11.85 -7.43 -11.43
C GLU B 280 -11.51 -7.23 -9.95
N LEU B 281 -11.23 -5.98 -9.56
CA LEU B 281 -10.91 -5.67 -8.17
C LEU B 281 -12.02 -4.88 -7.49
N ARG B 282 -12.42 -3.79 -8.11
CA ARG B 282 -13.43 -2.90 -7.56
C ARG B 282 -14.84 -3.45 -7.47
N GLU B 283 -15.07 -4.60 -8.09
CA GLU B 283 -16.38 -5.22 -8.03
C GLU B 283 -16.29 -6.53 -7.25
N HIS B 284 -15.09 -6.84 -6.75
CA HIS B 284 -14.91 -8.08 -6.00
C HIS B 284 -14.12 -7.95 -4.70
N ILE B 285 -12.86 -8.38 -4.69
CA ILE B 285 -12.07 -8.32 -3.46
C ILE B 285 -12.01 -6.91 -2.87
N PHE B 286 -12.06 -5.89 -3.73
CA PHE B 286 -12.01 -4.52 -3.26
C PHE B 286 -13.27 -3.76 -3.64
N ASN B 287 -14.41 -4.39 -3.41
CA ASN B 287 -15.70 -3.77 -3.67
C ASN B 287 -15.90 -2.91 -2.43
N PHE B 288 -15.42 -1.66 -2.51
CA PHE B 288 -15.49 -0.71 -1.41
C PHE B 288 -16.80 -0.70 -0.63
N LYS B 289 -17.89 -0.44 -1.32
CA LYS B 289 -19.21 -0.37 -0.69
C LYS B 289 -19.58 -1.62 0.10
N GLN B 290 -19.19 -2.78 -0.39
CA GLN B 290 -19.52 -4.03 0.28
C GLN B 290 -18.62 -4.43 1.44
N HIS B 291 -17.37 -3.98 1.42
CA HIS B 291 -16.41 -4.37 2.45
C HIS B 291 -15.88 -3.32 3.42
N ARG B 292 -15.74 -2.07 2.97
CA ARG B 292 -15.22 -1.02 3.85
C ARG B 292 -16.13 -0.69 5.04
N GLN B 293 -15.49 -0.42 6.18
CA GLN B 293 -16.19 -0.07 7.41
C GLN B 293 -15.59 1.27 7.87
N PRO B 294 -15.92 2.36 7.15
CA PRO B 294 -15.44 3.72 7.44
C PRO B 294 -15.63 4.22 8.87
N GLN B 295 -16.55 3.62 9.61
CA GLN B 295 -16.77 4.05 10.99
C GLN B 295 -15.53 3.78 11.83
N HIS B 296 -14.60 3.01 11.27
CA HIS B 296 -13.37 2.66 11.98
C HIS B 296 -12.13 3.31 11.39
N TYR B 297 -12.30 4.18 10.39
CA TYR B 297 -11.15 4.83 9.77
C TYR B 297 -10.98 6.30 10.17
N GLY B 298 -11.82 6.76 11.08
CA GLY B 298 -11.76 8.16 11.52
C GLY B 298 -10.42 8.79 11.83
N LEU B 299 -9.55 8.05 12.51
CA LEU B 299 -8.24 8.59 12.88
C LEU B 299 -7.44 9.07 11.68
N ILE B 300 -7.60 8.39 10.55
CA ILE B 300 -6.89 8.75 9.33
C ILE B 300 -7.16 10.20 8.91
N ALA B 301 -8.37 10.68 9.19
CA ALA B 301 -8.72 12.05 8.81
C ALA B 301 -8.64 13.09 9.93
N GLU B 302 -8.22 12.67 11.13
CA GLU B 302 -8.12 13.62 12.24
C GLU B 302 -6.98 14.58 12.01
N LEU B 303 -7.20 15.85 12.31
CA LEU B 303 -6.17 16.87 12.14
C LEU B 303 -5.10 16.76 13.21
NT CDV C . -9.53 -15.55 5.35
CT CDV C . -9.52 -14.54 4.44
OT CDV C . -9.82 -13.41 4.81
N CDV C . -9.16 -14.79 3.15
CA CDV C . -9.19 -13.78 2.11
CB CDV C . -9.29 -14.48 0.72
CG1 CDV C . -10.59 -15.24 0.63
CG2 CDV C . -9.25 -13.45 -0.42
C CDV C . -7.92 -12.94 2.20
O CDV C . -6.84 -13.47 2.44
OXT CDV C . -8.00 -11.62 2.02
NT CDV D . 10.37 14.69 -6.01
CT CDV D . 10.11 13.93 -4.92
OT CDV D . 9.01 14.03 -4.37
N CDV D . 11.06 13.06 -4.45
CA CDV D . 10.86 12.20 -3.29
CB CDV D . 12.22 11.70 -2.75
CG1 CDV D . 13.11 12.89 -2.37
CG2 CDV D . 12.04 10.83 -1.50
C CDV D . 9.99 11.03 -3.70
O CDV D . 10.14 10.50 -4.78
OXT CDV D . 9.07 10.58 -2.85
#